data_5IAX
#
_entry.id   5IAX
#
_cell.length_a   50.791
_cell.length_b   75.553
_cell.length_c   105.768
_cell.angle_alpha   90.000
_cell.angle_beta   90.000
_cell.angle_gamma   90.000
#
_symmetry.space_group_name_H-M   'P 21 21 21'
#
loop_
_entity.id
_entity.type
_entity.pdbx_description
1 polymer 'Procollagen-Proline Dioxygenase'
2 non-polymer 'COBALT (II) ION'
3 non-polymer '2-OXOGLUTARIC ACID'
4 non-polymer BETA-MERCAPTOETHANOL
5 non-polymer DI(HYDROXYETHYL)ETHER
6 water water
#
_entity_poly.entity_id   1
_entity_poly.type   'polypeptide(L)'
_entity_poly.pdbx_seq_one_letter_code
;MATNNNQIGENKEQTIFDHKGNVIKTEDREIQIISKFEEPLIVVLGNVLSDEECDELIELSKSKLARSKVGSSRDVNDIR
TSSGAFLDDNELTAKIEKRISSIMNVPASHGEGLHILNYEVDQQYKAHYDYFAEHSRSAANNRISTLVMYLNDVEEGGET
FFPKLNLSVHPRKGMAVYFEYFYQDQSLNELTLHGGAPVTKGEKWIATQWVRRGTYKPPGPPGPPG
;
_entity_poly.pdbx_strand_id   A,B
#
loop_
_chem_comp.id
_chem_comp.type
_chem_comp.name
_chem_comp.formula
AKG non-polymer '2-OXOGLUTARIC ACID' 'C5 H6 O5'
BME non-polymer BETA-MERCAPTOETHANOL 'C2 H6 O S'
CO non-polymer 'COBALT (II) ION' 'Co 2'
PEG non-polymer DI(HYDROXYETHYL)ETHER 'C4 H10 O3'
#
# COMPACT_ATOMS: atom_id res chain seq x y z
N GLU A 13 20.71 -6.28 -7.43
CA GLU A 13 20.68 -5.57 -8.72
C GLU A 13 20.23 -4.11 -8.53
N GLN A 14 20.64 -3.25 -9.43
CA GLN A 14 20.14 -1.87 -9.48
C GLN A 14 18.76 -1.84 -10.12
N THR A 15 17.95 -0.86 -9.74
CA THR A 15 16.60 -0.74 -10.26
C THR A 15 16.47 0.54 -11.07
N ILE A 16 15.53 0.52 -12.03
CA ILE A 16 15.21 1.74 -12.76
C ILE A 16 14.66 2.79 -11.82
N PHE A 17 13.65 2.40 -11.04
CA PHE A 17 13.03 3.28 -10.07
C PHE A 17 14.06 3.66 -9.02
N ASP A 18 14.31 4.94 -8.92
CA ASP A 18 15.46 5.51 -8.23
C ASP A 18 14.88 6.69 -7.46
N HIS A 19 14.26 6.38 -6.32
CA HIS A 19 13.60 7.38 -5.49
C HIS A 19 13.83 7.05 -4.03
N LYS A 20 14.42 7.97 -3.30
CA LYS A 20 14.66 7.83 -1.88
C LYS A 20 13.56 8.55 -1.10
N GLY A 21 13.20 8.01 0.05
CA GLY A 21 12.33 8.74 0.96
C GLY A 21 10.88 8.37 0.79
N ASN A 22 10.00 9.30 1.19
CA ASN A 22 8.59 8.99 1.39
C ASN A 22 7.68 9.68 0.38
N VAL A 23 8.20 10.65 -0.35
CA VAL A 23 7.45 11.33 -1.40
C VAL A 23 8.31 11.36 -2.67
N ILE A 24 7.63 11.52 -3.81
CA ILE A 24 8.28 11.77 -5.09
C ILE A 24 7.79 13.13 -5.54
N LYS A 25 8.71 14.08 -5.66
CA LYS A 25 8.34 15.44 -6.02
C LYS A 25 8.43 15.56 -7.54
N THR A 26 7.29 15.50 -8.23
CA THR A 26 7.28 15.75 -9.66
C THR A 26 6.94 17.21 -9.90
N GLU A 27 6.98 17.63 -11.16
CA GLU A 27 6.73 19.03 -11.49
C GLU A 27 5.34 19.56 -11.10
N ASP A 28 4.28 18.79 -11.34
CA ASP A 28 2.95 19.28 -10.99
C ASP A 28 2.27 18.59 -9.82
N ARG A 29 2.90 17.57 -9.24
CA ARG A 29 2.28 16.86 -8.13
C ARG A 29 3.26 16.15 -7.22
N GLU A 30 2.85 15.90 -5.99
CA GLU A 30 3.68 15.20 -5.03
C GLU A 30 3.07 13.81 -4.84
N ILE A 31 3.86 12.80 -5.15
CA ILE A 31 3.45 11.41 -5.05
C ILE A 31 3.88 10.88 -3.68
N GLN A 32 3.07 10.04 -3.08
CA GLN A 32 3.41 9.43 -1.80
C GLN A 32 3.90 8.01 -2.03
N ILE A 33 5.02 7.64 -1.43
CA ILE A 33 5.47 6.28 -1.50
C ILE A 33 4.88 5.54 -0.32
N ILE A 34 4.01 4.57 -0.59
CA ILE A 34 3.24 3.92 0.48
C ILE A 34 3.91 2.66 0.98
N SER A 35 4.31 1.76 0.08
CA SER A 35 5.01 0.54 0.51
C SER A 35 5.87 0.02 -0.61
N LYS A 36 6.86 -0.79 -0.25
CA LYS A 36 7.80 -1.36 -1.20
C LYS A 36 7.98 -2.83 -0.91
N PHE A 37 7.98 -3.63 -1.97
CA PHE A 37 8.55 -4.97 -1.95
C PHE A 37 9.83 -4.88 -2.78
N GLU A 38 10.96 -5.20 -2.15
CA GLU A 38 12.25 -4.72 -2.64
C GLU A 38 12.77 -5.46 -3.88
N GLU A 39 12.43 -6.75 -4.07
CA GLU A 39 12.98 -7.49 -5.22
C GLU A 39 12.18 -8.72 -5.62
N PRO A 40 11.51 -8.69 -6.79
CA PRO A 40 11.51 -7.57 -7.74
C PRO A 40 10.80 -6.35 -7.16
N LEU A 41 11.15 -5.16 -7.63
CA LEU A 41 10.67 -3.94 -7.04
C LEU A 41 9.19 -3.73 -7.37
N ILE A 42 8.38 -3.63 -6.33
CA ILE A 42 6.95 -3.38 -6.42
C ILE A 42 6.65 -2.26 -5.42
N VAL A 43 6.00 -1.20 -5.89
CA VAL A 43 5.79 -0.01 -5.07
C VAL A 43 4.33 0.42 -5.16
N VAL A 44 3.68 0.57 -4.01
CA VAL A 44 2.37 1.18 -3.93
C VAL A 44 2.54 2.69 -3.77
N LEU A 45 1.89 3.45 -4.64
CA LEU A 45 2.04 4.90 -4.68
C LEU A 45 0.70 5.57 -4.40
N GLY A 46 0.74 6.66 -3.65
CA GLY A 46 -0.46 7.38 -3.35
C GLY A 46 -0.48 8.72 -4.06
N ASN A 47 -1.67 9.30 -4.21
CA ASN A 47 -1.82 10.64 -4.78
C ASN A 47 -1.28 10.76 -6.20
N VAL A 48 -1.35 9.69 -6.99
CA VAL A 48 -0.77 9.73 -8.31
C VAL A 48 -1.60 10.60 -9.24
N LEU A 49 -2.92 10.41 -9.21
CA LEU A 49 -3.86 11.16 -10.03
C LEU A 49 -4.89 11.86 -9.16
N SER A 50 -5.27 13.07 -9.55
CA SER A 50 -6.40 13.71 -8.87
C SER A 50 -7.70 12.94 -9.15
N ASP A 51 -8.66 13.10 -8.24
CA ASP A 51 -9.99 12.56 -8.51
C ASP A 51 -10.50 13.00 -9.87
N GLU A 52 -10.29 14.28 -10.23
CA GLU A 52 -10.81 14.75 -11.51
C GLU A 52 -10.00 14.18 -12.67
N GLU A 53 -8.72 13.94 -12.50
CA GLU A 53 -7.98 13.30 -13.60
C GLU A 53 -8.47 11.88 -13.83
N CYS A 54 -8.79 11.14 -12.76
CA CYS A 54 -9.30 9.78 -12.90
C CYS A 54 -10.62 9.78 -13.67
N ASP A 55 -11.55 10.64 -13.22
CA ASP A 55 -12.84 10.79 -13.89
C ASP A 55 -12.67 11.19 -15.34
N GLU A 56 -11.72 12.08 -15.61
CA GLU A 56 -11.59 12.54 -16.99
C GLU A 56 -11.00 11.46 -17.89
N LEU A 57 -10.12 10.62 -17.37
CA LEU A 57 -9.59 9.53 -18.17
C LEU A 57 -10.69 8.54 -18.54
N ILE A 58 -11.52 8.15 -17.56
CA ILE A 58 -12.67 7.31 -17.83
C ILE A 58 -13.53 7.91 -18.93
N GLU A 59 -13.86 9.20 -18.81
CA GLU A 59 -14.71 9.86 -19.78
C GLU A 59 -14.09 9.81 -21.17
N LEU A 60 -12.79 10.04 -21.28
CA LEU A 60 -12.15 9.96 -22.58
C LEU A 60 -12.31 8.57 -23.19
N SER A 61 -12.22 7.52 -22.34
CA SER A 61 -12.44 6.17 -22.81
C SER A 61 -13.87 6.00 -23.35
N LYS A 62 -14.88 6.37 -22.56
CA LYS A 62 -16.26 6.23 -23.02
C LYS A 62 -16.54 7.03 -24.28
N SER A 63 -15.95 8.22 -24.41
CA SER A 63 -16.17 9.04 -25.59
C SER A 63 -15.57 8.40 -26.82
N LYS A 64 -14.31 7.95 -26.72
CA LYS A 64 -13.68 7.29 -27.86
C LYS A 64 -14.51 6.12 -28.32
N LEU A 65 -15.06 5.35 -27.37
CA LEU A 65 -15.96 4.26 -27.74
C LEU A 65 -17.26 4.78 -28.34
N ALA A 66 -17.85 5.82 -27.75
CA ALA A 66 -19.07 6.43 -28.28
C ALA A 66 -18.89 6.94 -29.71
N ARG A 67 -17.67 7.05 -30.20
CA ARG A 67 -17.37 7.48 -31.55
C ARG A 67 -17.13 6.29 -32.49
N SER A 68 -17.45 5.08 -32.05
CA SER A 68 -17.30 3.89 -32.88
C SER A 68 -18.56 3.71 -33.73
N LYS A 69 -18.37 3.42 -35.02
CA LYS A 69 -19.47 3.26 -35.98
C LYS A 69 -19.14 2.10 -36.92
N VAL A 70 -20.11 1.68 -37.73
CA VAL A 70 -19.89 0.57 -38.67
C VAL A 70 -19.21 1.11 -39.95
N ASP A 75 -13.61 5.34 -35.17
CA ASP A 75 -13.04 4.07 -35.58
C ASP A 75 -14.13 3.02 -35.80
N VAL A 76 -13.86 2.12 -36.73
CA VAL A 76 -14.77 1.05 -37.11
C VAL A 76 -14.93 0.00 -36.01
N ASN A 77 -16.18 -0.37 -35.74
CA ASN A 77 -16.48 -1.40 -34.75
C ASN A 77 -15.92 -2.74 -35.21
N ASP A 78 -15.98 -2.99 -36.51
CA ASP A 78 -15.56 -4.24 -37.18
C ASP A 78 -14.06 -4.62 -37.19
N ILE A 79 -13.23 -3.76 -36.64
CA ILE A 79 -11.80 -4.01 -36.58
C ILE A 79 -11.25 -3.72 -35.21
N ALA A 85 -9.22 1.78 -26.29
CA ALA A 85 -8.01 1.11 -25.82
C ALA A 85 -6.99 2.13 -25.30
N PHE A 86 -6.08 2.54 -26.19
CA PHE A 86 -5.16 3.62 -25.90
C PHE A 86 -5.82 4.95 -26.24
N LEU A 87 -5.85 5.88 -25.27
CA LEU A 87 -6.43 7.20 -25.52
C LEU A 87 -5.63 7.95 -26.58
N ASP A 88 -6.34 8.75 -27.38
CA ASP A 88 -5.70 9.78 -28.20
C ASP A 88 -4.86 10.72 -27.34
N ASP A 89 -3.67 11.09 -27.85
CA ASP A 89 -2.88 12.16 -27.24
C ASP A 89 -3.72 13.42 -27.10
N ASN A 90 -3.56 14.10 -25.97
CA ASN A 90 -4.24 15.35 -25.68
C ASN A 90 -3.53 16.07 -24.53
N GLU A 91 -3.99 17.25 -24.17
CA GLU A 91 -3.32 18.00 -23.11
C GLU A 91 -3.26 17.18 -21.83
N LEU A 92 -4.37 16.52 -21.48
CA LEU A 92 -4.43 15.80 -20.23
C LEU A 92 -3.50 14.59 -20.25
N THR A 93 -3.53 13.82 -21.34
CA THR A 93 -2.71 12.61 -21.41
C THR A 93 -1.23 12.94 -21.40
N ALA A 94 -0.82 14.06 -22.01
CA ALA A 94 0.59 14.44 -22.02
C ALA A 94 1.05 14.95 -20.66
N LYS A 95 0.20 15.70 -19.96
CA LYS A 95 0.50 16.10 -18.59
C LYS A 95 0.67 14.89 -17.68
N ILE A 96 -0.23 13.91 -17.81
CA ILE A 96 -0.16 12.73 -16.97
C ILE A 96 1.04 11.87 -17.34
N GLU A 97 1.36 11.76 -18.64
CA GLU A 97 2.51 10.95 -19.00
C GLU A 97 3.81 11.59 -18.53
N LYS A 98 3.88 12.91 -18.51
CA LYS A 98 5.05 13.58 -17.95
C LYS A 98 5.21 13.25 -16.47
N ARG A 99 4.13 13.38 -15.69
CA ARG A 99 4.18 13.04 -14.27
C ARG A 99 4.62 11.60 -14.06
N ILE A 100 4.00 10.66 -14.79
CA ILE A 100 4.39 9.25 -14.74
C ILE A 100 5.87 9.09 -15.06
N SER A 101 6.36 9.90 -16.00
CA SER A 101 7.75 9.79 -16.42
C SER A 101 8.70 10.07 -15.27
N SER A 102 8.38 11.07 -14.45
CA SER A 102 9.22 11.33 -13.28
C SER A 102 9.17 10.16 -12.31
N ILE A 103 7.98 9.58 -12.09
CA ILE A 103 7.84 8.45 -11.19
C ILE A 103 8.70 7.28 -11.65
N MET A 104 8.65 6.97 -12.95
CA MET A 104 9.23 5.74 -13.45
C MET A 104 10.69 5.89 -13.88
N ASN A 105 11.20 7.12 -13.91
CA ASN A 105 12.62 7.41 -14.18
C ASN A 105 13.00 7.05 -15.61
N VAL A 106 12.06 7.17 -16.53
CA VAL A 106 12.24 6.80 -17.93
C VAL A 106 11.45 7.83 -18.75
N PRO A 107 11.99 8.34 -19.88
CA PRO A 107 11.26 9.39 -20.62
C PRO A 107 9.92 8.88 -21.15
N ALA A 108 8.96 9.80 -21.21
CA ALA A 108 7.60 9.49 -21.68
C ALA A 108 7.59 8.85 -23.06
N SER A 109 8.58 9.16 -23.90
CA SER A 109 8.58 8.59 -25.25
C SER A 109 8.78 7.09 -25.23
N HIS A 110 9.24 6.52 -24.11
CA HIS A 110 9.29 5.08 -23.96
C HIS A 110 7.92 4.50 -23.62
N GLY A 111 6.95 5.35 -23.29
CA GLY A 111 5.65 4.88 -22.85
C GLY A 111 4.76 4.54 -24.03
N GLU A 112 4.00 3.45 -23.90
CA GLU A 112 3.03 3.08 -24.93
C GLU A 112 1.80 4.00 -24.93
N GLY A 113 1.58 4.76 -23.87
CA GLY A 113 0.39 5.58 -23.81
C GLY A 113 -0.57 5.09 -22.76
N LEU A 114 -1.50 5.96 -22.39
CA LEU A 114 -2.48 5.61 -21.36
C LEU A 114 -3.45 4.57 -21.92
N HIS A 115 -3.29 3.33 -21.47
CA HIS A 115 -4.20 2.26 -21.83
C HIS A 115 -5.27 2.16 -20.74
N ILE A 116 -6.53 2.35 -21.13
CA ILE A 116 -7.67 2.31 -20.23
C ILE A 116 -8.33 0.94 -20.30
N LEU A 117 -8.72 0.40 -19.15
CA LEU A 117 -9.37 -0.91 -19.08
C LEU A 117 -10.48 -0.89 -18.05
N ASN A 118 -11.62 -1.47 -18.43
CA ASN A 118 -12.82 -1.54 -17.60
C ASN A 118 -13.12 -3.00 -17.30
N TYR A 119 -13.31 -3.34 -16.02
CA TYR A 119 -13.82 -4.65 -15.63
C TYR A 119 -15.23 -4.49 -15.09
N GLU A 120 -16.18 -5.18 -15.70
CA GLU A 120 -17.48 -5.35 -15.09
C GLU A 120 -17.40 -6.49 -14.08
N VAL A 121 -18.45 -6.65 -13.27
CA VAL A 121 -18.45 -7.74 -12.30
C VAL A 121 -18.12 -9.07 -12.98
N ASP A 122 -17.31 -9.87 -12.30
CA ASP A 122 -16.81 -11.18 -12.67
C ASP A 122 -15.80 -11.18 -13.79
N GLN A 123 -15.45 -10.03 -14.33
CA GLN A 123 -14.28 -9.97 -15.21
C GLN A 123 -12.98 -9.93 -14.40
N GLN A 124 -11.92 -10.44 -15.01
CA GLN A 124 -10.63 -10.57 -14.38
C GLN A 124 -9.56 -10.51 -15.45
N TYR A 125 -8.32 -10.34 -15.02
CA TYR A 125 -7.16 -10.42 -15.89
C TYR A 125 -6.29 -11.56 -15.37
N LYS A 126 -6.29 -12.69 -16.07
CA LYS A 126 -5.56 -13.85 -15.59
C LYS A 126 -4.05 -13.58 -15.55
N ALA A 127 -3.40 -14.21 -14.58
CA ALA A 127 -1.99 -13.94 -14.31
C ALA A 127 -1.18 -13.93 -15.61
N HIS A 128 -0.23 -13.00 -15.71
CA HIS A 128 0.52 -12.89 -16.95
C HIS A 128 1.79 -12.14 -16.64
N TYR A 129 2.68 -12.12 -17.61
CA TYR A 129 3.82 -11.23 -17.57
C TYR A 129 3.52 -10.04 -18.47
N ASP A 130 3.96 -8.84 -18.06
CA ASP A 130 3.76 -7.71 -18.96
C ASP A 130 4.80 -7.66 -20.07
N TYR A 131 5.99 -8.18 -19.83
CA TYR A 131 6.98 -8.24 -20.90
C TYR A 131 6.58 -9.31 -21.91
N PHE A 132 7.01 -9.11 -23.16
CA PHE A 132 6.49 -9.88 -24.29
C PHE A 132 7.21 -11.21 -24.44
N ALA A 133 6.48 -12.18 -24.98
CA ALA A 133 7.06 -13.50 -25.23
C ALA A 133 8.17 -13.38 -26.28
N GLU A 134 9.07 -14.38 -26.25
CA GLU A 134 10.22 -14.41 -27.16
C GLU A 134 9.79 -14.39 -28.62
N HIS A 135 8.55 -14.81 -28.91
CA HIS A 135 8.06 -14.92 -30.27
C HIS A 135 7.34 -13.66 -30.75
N SER A 136 7.17 -12.65 -29.90
CA SER A 136 6.57 -11.40 -30.35
C SER A 136 7.64 -10.53 -31.00
N ARG A 137 7.27 -9.85 -32.09
CA ARG A 137 8.19 -8.89 -32.69
C ARG A 137 8.39 -7.69 -31.77
N SER A 138 7.39 -7.41 -30.92
CA SER A 138 7.53 -6.37 -29.92
C SER A 138 8.69 -6.63 -28.97
N ALA A 139 9.10 -7.90 -28.79
CA ALA A 139 10.25 -8.23 -27.95
C ALA A 139 11.55 -7.62 -28.45
N ALA A 140 11.56 -7.05 -29.67
CA ALA A 140 12.73 -6.32 -30.14
C ALA A 140 13.02 -5.10 -29.26
N ASN A 141 11.97 -4.53 -28.65
CA ASN A 141 12.05 -3.38 -27.76
C ASN A 141 11.10 -3.66 -26.58
N ASN A 142 11.53 -4.54 -25.67
CA ASN A 142 10.57 -5.14 -24.74
C ASN A 142 10.15 -4.15 -23.65
N ARG A 143 9.07 -4.49 -22.98
CA ARG A 143 8.66 -3.69 -21.83
C ARG A 143 9.60 -3.94 -20.66
N ILE A 144 9.82 -2.89 -19.87
CA ILE A 144 10.72 -2.95 -18.72
C ILE A 144 10.02 -2.64 -17.40
N SER A 145 8.87 -1.97 -17.41
CA SER A 145 8.23 -1.58 -16.16
C SER A 145 6.83 -1.15 -16.50
N THR A 146 5.99 -1.09 -15.47
CA THR A 146 4.56 -0.95 -15.60
C THR A 146 4.08 -0.02 -14.51
N LEU A 147 3.10 0.82 -14.80
CA LEU A 147 2.35 1.54 -13.77
C LEU A 147 0.86 1.28 -13.96
N VAL A 148 0.20 0.74 -12.94
CA VAL A 148 -1.25 0.52 -12.95
C VAL A 148 -1.90 1.55 -12.02
N MET A 149 -2.69 2.45 -12.61
CA MET A 149 -3.36 3.50 -11.84
C MET A 149 -4.83 3.15 -11.70
N TYR A 150 -5.36 3.26 -10.48
CA TYR A 150 -6.74 2.91 -10.15
C TYR A 150 -7.60 4.15 -10.34
N LEU A 151 -8.52 4.10 -11.31
CA LEU A 151 -9.28 5.28 -11.68
C LEU A 151 -10.60 5.39 -10.92
N ASN A 152 -10.95 4.40 -10.11
CA ASN A 152 -12.17 4.46 -9.32
C ASN A 152 -12.01 3.53 -8.13
N ASP A 153 -13.03 3.48 -7.28
CA ASP A 153 -13.05 2.53 -6.19
C ASP A 153 -13.88 1.31 -6.56
N VAL A 154 -13.41 0.14 -6.13
CA VAL A 154 -14.00 -1.12 -6.51
C VAL A 154 -14.70 -1.69 -5.29
N GLU A 155 -16.00 -1.94 -5.44
CA GLU A 155 -16.82 -2.33 -4.31
C GLU A 155 -16.28 -3.59 -3.66
N GLU A 156 -16.00 -4.63 -4.44
CA GLU A 156 -15.38 -5.83 -3.90
C GLU A 156 -14.58 -6.52 -4.99
N GLY A 157 -13.40 -7.03 -4.64
CA GLY A 157 -12.56 -7.72 -5.61
C GLY A 157 -11.64 -6.76 -6.34
N GLY A 158 -11.07 -7.23 -7.44
CA GLY A 158 -10.30 -6.37 -8.32
C GLY A 158 -8.87 -6.06 -7.89
N GLU A 159 -8.29 -6.85 -6.98
CA GLU A 159 -6.93 -6.55 -6.53
C GLU A 159 -5.91 -6.94 -7.59
N THR A 160 -4.84 -6.17 -7.65
CA THR A 160 -3.69 -6.54 -8.46
C THR A 160 -2.88 -7.52 -7.62
N PHE A 161 -2.75 -8.76 -8.06
CA PHE A 161 -2.12 -9.77 -7.22
C PHE A 161 -0.91 -10.34 -7.95
N PHE A 162 0.10 -10.69 -7.16
CA PHE A 162 1.36 -11.26 -7.62
C PHE A 162 1.44 -12.66 -7.02
N PRO A 163 0.96 -13.68 -7.73
CA PRO A 163 0.74 -14.98 -7.06
C PRO A 163 2.03 -15.68 -6.65
N LYS A 164 3.18 -15.33 -7.21
CA LYS A 164 4.41 -15.95 -6.75
C LYS A 164 5.00 -15.27 -5.53
N LEU A 165 4.50 -14.10 -5.16
CA LEU A 165 5.03 -13.37 -4.02
C LEU A 165 4.06 -13.29 -2.88
N ASN A 166 2.82 -13.75 -3.09
CA ASN A 166 1.78 -13.68 -2.06
C ASN A 166 1.45 -12.25 -1.69
N LEU A 167 1.49 -11.38 -2.67
CA LEU A 167 1.28 -9.97 -2.44
C LEU A 167 0.10 -9.50 -3.28
N SER A 168 -0.66 -8.54 -2.75
CA SER A 168 -1.76 -8.01 -3.54
C SER A 168 -1.98 -6.56 -3.16
N VAL A 169 -2.26 -5.75 -4.16
CA VAL A 169 -2.56 -4.33 -3.99
C VAL A 169 -4.03 -4.15 -4.31
N HIS A 170 -4.73 -3.54 -3.43
CA HIS A 170 -6.17 -3.42 -3.61
C HIS A 170 -6.49 -2.08 -4.29
N PRO A 171 -7.45 -2.04 -5.21
CA PRO A 171 -7.66 -0.81 -5.97
C PRO A 171 -8.14 0.27 -5.03
N ARG A 172 -7.77 1.50 -5.36
CA ARG A 172 -8.09 2.66 -4.53
C ARG A 172 -7.91 3.87 -5.43
N LYS A 173 -8.96 4.67 -5.57
CA LYS A 173 -8.98 5.72 -6.57
C LYS A 173 -7.83 6.68 -6.37
N GLY A 174 -7.10 6.97 -7.44
CA GLY A 174 -6.00 7.90 -7.37
C GLY A 174 -4.69 7.26 -6.94
N MET A 175 -4.71 6.02 -6.53
CA MET A 175 -3.48 5.35 -6.16
C MET A 175 -2.93 4.55 -7.34
N ALA A 176 -1.71 4.04 -7.20
CA ALA A 176 -1.17 3.22 -8.27
C ALA A 176 -0.21 2.16 -7.73
N VAL A 177 0.04 1.14 -8.55
CA VAL A 177 1.10 0.19 -8.27
C VAL A 177 2.13 0.23 -9.38
N TYR A 178 3.40 0.33 -9.00
CA TYR A 178 4.53 0.35 -9.90
C TYR A 178 5.31 -0.94 -9.73
N PHE A 179 5.84 -1.46 -10.83
CA PHE A 179 6.68 -2.65 -10.77
C PHE A 179 7.59 -2.70 -11.99
N GLU A 180 8.74 -3.33 -11.85
CA GLU A 180 9.69 -3.42 -12.96
C GLU A 180 10.23 -4.83 -13.14
N TYR A 181 10.59 -5.13 -14.38
CA TYR A 181 11.08 -6.45 -14.79
C TYR A 181 12.29 -6.38 -15.74
N PHE A 182 13.24 -5.50 -15.43
CA PHE A 182 14.43 -5.30 -16.24
C PHE A 182 15.70 -5.92 -15.65
N TYR A 183 15.54 -6.83 -14.70
CA TYR A 183 16.66 -7.48 -14.02
C TYR A 183 17.53 -8.44 -14.82
N GLN A 184 18.82 -8.46 -14.49
CA GLN A 184 19.78 -9.41 -15.06
C GLN A 184 19.37 -10.85 -14.72
N ASP A 185 19.07 -11.11 -13.46
CA ASP A 185 18.56 -12.40 -13.03
C ASP A 185 17.11 -12.54 -13.50
N GLN A 186 16.90 -13.39 -14.49
CA GLN A 186 15.58 -13.52 -15.11
C GLN A 186 14.57 -14.16 -14.17
N SER A 187 15.01 -14.91 -13.18
CA SER A 187 14.05 -15.45 -12.23
C SER A 187 13.41 -14.33 -11.42
N LEU A 188 14.06 -13.17 -11.31
CA LEU A 188 13.44 -12.01 -10.70
C LEU A 188 12.34 -11.42 -11.59
N ASN A 189 12.55 -11.38 -12.90
CA ASN A 189 11.49 -10.91 -13.78
C ASN A 189 10.28 -11.82 -13.73
N GLU A 190 10.52 -13.13 -13.62
CA GLU A 190 9.40 -14.07 -13.59
C GLU A 190 8.65 -14.01 -12.26
N LEU A 191 9.23 -13.41 -11.23
CA LEU A 191 8.47 -13.15 -10.01
C LEU A 191 7.40 -12.08 -10.21
N THR A 192 7.49 -11.27 -11.28
CA THR A 192 6.52 -10.21 -11.50
C THR A 192 5.25 -10.70 -12.17
N LEU A 193 5.06 -12.02 -12.25
CA LEU A 193 3.78 -12.56 -12.66
C LEU A 193 2.65 -11.95 -11.83
N HIS A 194 1.64 -11.40 -12.51
CA HIS A 194 0.58 -10.68 -11.81
C HIS A 194 -0.72 -10.76 -12.60
N GLY A 195 -1.80 -10.39 -11.93
CA GLY A 195 -3.09 -10.32 -12.57
C GLY A 195 -4.06 -9.42 -11.83
N GLY A 196 -5.21 -9.25 -12.44
CA GLY A 196 -6.30 -8.50 -11.88
C GLY A 196 -7.35 -9.47 -11.45
N ALA A 197 -7.60 -9.54 -10.13
CA ALA A 197 -8.54 -10.50 -9.57
C ALA A 197 -9.97 -10.16 -9.97
N PRO A 198 -10.86 -11.15 -9.99
CA PRO A 198 -12.25 -10.90 -10.39
C PRO A 198 -12.88 -9.75 -9.60
N VAL A 199 -13.60 -8.90 -10.31
CA VAL A 199 -14.46 -7.93 -9.64
C VAL A 199 -15.74 -8.66 -9.25
N THR A 200 -15.98 -8.77 -7.95
CA THR A 200 -17.17 -9.44 -7.46
C THR A 200 -18.29 -8.48 -7.11
N LYS A 201 -18.01 -7.19 -7.03
CA LYS A 201 -19.06 -6.21 -6.81
C LYS A 201 -18.55 -4.87 -7.31
N GLY A 202 -19.43 -4.08 -7.91
CA GLY A 202 -19.01 -2.82 -8.48
C GLY A 202 -18.42 -3.04 -9.87
N GLU A 203 -17.47 -2.17 -10.21
CA GLU A 203 -16.72 -2.28 -11.46
C GLU A 203 -15.35 -1.65 -11.22
N LYS A 204 -14.43 -1.90 -12.14
CA LYS A 204 -13.06 -1.44 -11.95
C LYS A 204 -12.58 -0.76 -13.22
N TRP A 205 -12.07 0.46 -13.07
CA TRP A 205 -11.43 1.21 -14.14
C TRP A 205 -9.96 1.42 -13.79
N ILE A 206 -9.06 1.16 -14.75
CA ILE A 206 -7.64 1.40 -14.59
C ILE A 206 -7.07 2.06 -15.82
N ALA A 207 -5.96 2.76 -15.61
CA ALA A 207 -5.04 3.17 -16.67
C ALA A 207 -3.70 2.47 -16.45
N THR A 208 -3.15 1.92 -17.52
CA THR A 208 -1.84 1.30 -17.45
C THR A 208 -0.87 2.04 -18.37
N GLN A 209 0.32 2.30 -17.87
CA GLN A 209 1.41 2.79 -18.71
C GLN A 209 2.46 1.68 -18.76
N TRP A 210 2.63 1.06 -19.93
CA TRP A 210 3.73 0.12 -20.12
C TRP A 210 4.90 0.87 -20.74
N VAL A 211 6.10 0.66 -20.19
CA VAL A 211 7.29 1.40 -20.57
C VAL A 211 8.26 0.47 -21.27
N ARG A 212 8.77 0.88 -22.45
CA ARG A 212 9.72 0.09 -23.21
C ARG A 212 11.16 0.49 -22.92
N ARG A 213 12.05 -0.44 -23.19
CA ARG A 213 13.49 -0.20 -23.02
C ARG A 213 13.97 1.00 -23.83
N GLY A 214 13.58 1.08 -25.11
CA GLY A 214 13.91 2.21 -25.96
C GLY A 214 12.70 3.08 -26.30
N THR A 215 12.99 4.22 -26.93
CA THR A 215 11.93 5.11 -27.40
C THR A 215 10.85 4.33 -28.15
N TYR A 216 9.60 4.74 -27.98
CA TYR A 216 8.50 3.95 -28.55
C TYR A 216 7.60 4.80 -29.43
N LYS A 217 7.20 5.96 -28.94
CA LYS A 217 6.39 6.84 -29.76
C LYS A 217 7.26 7.49 -30.83
N PRO A 218 6.76 7.66 -32.05
CA PRO A 218 7.50 8.41 -33.08
C PRO A 218 7.73 9.85 -32.64
N PRO A 219 8.71 10.55 -33.23
CA PRO A 219 9.07 11.89 -32.75
C PRO A 219 7.87 12.84 -32.79
N GLY A 220 8.02 14.00 -32.16
CA GLY A 220 6.93 14.98 -32.16
C GLY A 220 7.39 16.37 -31.79
N GLU B 13 -2.91 -21.60 6.94
CA GLU B 13 -3.68 -21.42 8.18
C GLU B 13 -4.68 -20.26 8.05
N GLN B 14 -5.76 -20.33 8.82
CA GLN B 14 -6.69 -19.20 8.97
C GLN B 14 -6.01 -18.06 9.72
N THR B 15 -6.56 -16.85 9.63
CA THR B 15 -5.96 -15.71 10.30
C THR B 15 -7.01 -15.04 11.19
N ILE B 16 -6.50 -14.33 12.19
CA ILE B 16 -7.38 -13.51 13.03
C ILE B 16 -8.06 -12.45 12.18
N PHE B 17 -7.28 -11.71 11.40
CA PHE B 17 -7.82 -10.63 10.59
C PHE B 17 -8.69 -11.27 9.53
N ASP B 18 -9.98 -10.96 9.55
CA ASP B 18 -10.99 -11.63 8.73
C ASP B 18 -11.82 -10.53 8.10
N HIS B 19 -11.41 -10.09 6.91
CA HIS B 19 -12.07 -8.97 6.24
C HIS B 19 -11.94 -9.20 4.75
N LYS B 20 -13.05 -9.46 4.09
CA LYS B 20 -13.09 -9.56 2.65
C LYS B 20 -13.21 -8.17 2.04
N GLY B 21 -12.78 -8.03 0.80
CA GLY B 21 -13.05 -6.80 0.09
C GLY B 21 -12.01 -5.74 0.32
N ASN B 22 -12.40 -4.50 0.02
CA ASN B 22 -11.48 -3.40 -0.11
C ASN B 22 -11.64 -2.35 0.97
N VAL B 23 -12.74 -2.40 1.74
CA VAL B 23 -12.95 -1.52 2.86
C VAL B 23 -13.34 -2.38 4.06
N ILE B 24 -13.04 -1.86 5.25
CA ILE B 24 -13.55 -2.40 6.51
C ILE B 24 -14.48 -1.35 7.09
N LYS B 25 -15.75 -1.69 7.27
CA LYS B 25 -16.71 -0.75 7.83
C LYS B 25 -16.74 -0.93 9.35
N THR B 26 -16.30 0.09 10.08
CA THR B 26 -16.43 0.12 11.52
C THR B 26 -17.63 0.99 11.89
N GLU B 27 -17.97 1.04 13.16
CA GLU B 27 -19.13 1.83 13.55
C GLU B 27 -19.03 3.31 13.18
N ASP B 28 -17.87 3.92 13.38
CA ASP B 28 -17.72 5.34 13.07
C ASP B 28 -16.86 5.71 11.86
N ARG B 29 -16.23 4.75 11.22
CA ARG B 29 -15.38 5.06 10.09
C ARG B 29 -15.18 3.90 9.12
N GLU B 30 -14.85 4.23 7.88
CA GLU B 30 -14.61 3.20 6.90
C GLU B 30 -13.11 3.16 6.60
N ILE B 31 -12.49 2.04 6.94
CA ILE B 31 -11.07 1.82 6.72
C ILE B 31 -10.85 1.29 5.31
N GLN B 32 -9.75 1.68 4.68
CA GLN B 32 -9.43 1.23 3.33
C GLN B 32 -8.39 0.12 3.41
N ILE B 33 -8.63 -0.99 2.73
CA ILE B 33 -7.62 -2.02 2.65
C ILE B 33 -6.76 -1.70 1.44
N ILE B 34 -5.47 -1.46 1.65
CA ILE B 34 -4.59 -0.97 0.59
C ILE B 34 -3.77 -2.07 -0.02
N SER B 35 -3.06 -2.84 0.80
CA SER B 35 -2.26 -3.94 0.26
C SER B 35 -2.11 -4.99 1.34
N LYS B 36 -1.86 -6.22 0.90
CA LYS B 36 -1.75 -7.38 1.76
C LYS B 36 -0.55 -8.20 1.35
N PHE B 37 0.29 -8.55 2.31
CA PHE B 37 1.19 -9.68 2.19
C PHE B 37 0.51 -10.85 2.90
N GLU B 38 0.33 -11.96 2.18
CA GLU B 38 -0.66 -12.95 2.62
C GLU B 38 -0.18 -13.76 3.83
N GLU B 39 1.11 -14.05 3.95
CA GLU B 39 1.56 -15.00 5.00
C GLU B 39 3.03 -14.86 5.42
N PRO B 40 3.30 -14.36 6.63
CA PRO B 40 2.37 -13.90 7.66
C PRO B 40 1.56 -12.73 7.18
N LEU B 41 0.32 -12.61 7.63
CA LEU B 41 -0.53 -11.53 7.15
C LEU B 41 0.03 -10.18 7.55
N ILE B 42 0.39 -9.35 6.57
CA ILE B 42 0.73 -7.93 6.79
C ILE B 42 -0.19 -7.11 5.90
N VAL B 43 -0.94 -6.16 6.49
CA VAL B 43 -1.95 -5.38 5.77
C VAL B 43 -1.66 -3.90 5.93
N VAL B 44 -1.60 -3.17 4.81
CA VAL B 44 -1.55 -1.71 4.84
C VAL B 44 -2.98 -1.18 4.82
N LEU B 45 -3.30 -0.32 5.78
CA LEU B 45 -4.66 0.18 5.94
C LEU B 45 -4.71 1.69 5.76
N GLY B 46 -5.76 2.17 5.10
CA GLY B 46 -5.85 3.61 4.90
C GLY B 46 -7.03 4.18 5.66
N ASN B 47 -7.01 5.49 5.90
CA ASN B 47 -8.12 6.20 6.55
C ASN B 47 -8.42 5.69 7.95
N VAL B 48 -7.40 5.21 8.67
CA VAL B 48 -7.60 4.62 9.99
C VAL B 48 -7.92 5.68 11.03
N LEU B 49 -7.23 6.82 10.99
CA LEU B 49 -7.46 7.92 11.93
C LEU B 49 -7.59 9.23 11.16
N SER B 50 -8.42 10.14 11.68
CA SER B 50 -8.48 11.45 11.04
C SER B 50 -7.25 12.25 11.40
N ASP B 51 -6.99 13.30 10.62
CA ASP B 51 -5.90 14.19 10.98
C ASP B 51 -6.11 14.78 12.36
N GLU B 52 -7.35 15.14 12.70
CA GLU B 52 -7.64 15.65 14.03
C GLU B 52 -7.33 14.59 15.09
N GLU B 53 -7.70 13.34 14.85
CA GLU B 53 -7.44 12.31 15.85
C GLU B 53 -5.94 12.11 16.05
N CYS B 54 -5.19 12.13 14.95
CA CYS B 54 -3.73 12.01 14.99
C CYS B 54 -3.14 13.10 15.87
N ASP B 55 -3.45 14.36 15.53
CA ASP B 55 -2.91 15.47 16.30
C ASP B 55 -3.32 15.39 17.76
N GLU B 56 -4.56 15.01 18.03
CA GLU B 56 -4.99 14.97 19.42
C GLU B 56 -4.28 13.86 20.18
N LEU B 57 -3.93 12.75 19.52
CA LEU B 57 -3.20 11.71 20.24
C LEU B 57 -1.79 12.17 20.59
N ILE B 58 -1.15 12.90 19.68
CA ILE B 58 0.15 13.47 19.98
C ILE B 58 0.04 14.42 21.19
N GLU B 59 -0.91 15.36 21.14
CA GLU B 59 -1.02 16.32 22.25
C GLU B 59 -1.26 15.61 23.57
N LEU B 60 -2.08 14.56 23.57
CA LEU B 60 -2.29 13.80 24.80
C LEU B 60 -0.99 13.21 25.31
N SER B 61 -0.17 12.67 24.40
CA SER B 61 1.14 12.17 24.78
C SER B 61 1.98 13.28 25.42
N LYS B 62 2.10 14.42 24.73
CA LYS B 62 2.88 15.54 25.24
C LYS B 62 2.34 16.06 26.57
N SER B 63 1.02 16.24 26.68
CA SER B 63 0.43 16.72 27.92
C SER B 63 0.64 15.73 29.05
N LYS B 64 0.63 14.43 28.74
CA LYS B 64 0.89 13.45 29.78
C LYS B 64 2.32 13.56 30.29
N LEU B 65 3.26 13.87 29.40
CA LEU B 65 4.65 14.01 29.78
C LEU B 65 4.87 15.27 30.62
N ALA B 66 4.08 16.30 30.34
CA ALA B 66 4.19 17.56 31.07
C ALA B 66 3.90 17.34 32.55
N ARG B 67 2.92 16.48 32.83
CA ARG B 67 2.57 16.18 34.21
C ARG B 67 3.56 15.20 34.83
N SER B 68 4.72 15.07 34.18
CA SER B 68 5.71 14.05 34.50
C SER B 68 5.98 13.88 35.98
N LYS B 69 5.96 12.61 36.38
CA LYS B 69 6.27 12.20 37.74
C LYS B 69 7.67 11.59 37.66
N VAL B 70 8.49 12.17 36.79
CA VAL B 70 9.87 11.75 36.53
C VAL B 70 10.56 11.02 37.67
N ALA B 85 5.08 5.86 26.40
CA ALA B 85 3.99 6.01 27.37
C ALA B 85 2.66 5.62 26.72
N PHE B 86 1.91 4.79 27.45
CA PHE B 86 0.51 4.58 27.13
C PHE B 86 -0.30 5.79 27.59
N LEU B 87 -1.26 6.20 26.77
CA LEU B 87 -2.16 7.28 27.16
C LEU B 87 -3.11 6.78 28.26
N ASP B 88 -3.58 7.71 29.10
CA ASP B 88 -4.66 7.37 30.02
C ASP B 88 -5.99 7.25 29.27
N ASP B 89 -6.88 6.39 29.80
CA ASP B 89 -8.21 6.17 29.24
C ASP B 89 -9.05 7.44 29.28
N ASN B 90 -9.60 7.82 28.13
CA ASN B 90 -10.60 8.86 28.05
C ASN B 90 -11.54 8.53 26.89
N GLU B 91 -12.37 9.48 26.48
CA GLU B 91 -13.37 9.13 25.48
C GLU B 91 -12.73 8.87 24.14
N LEU B 92 -11.74 9.69 23.77
CA LEU B 92 -11.09 9.52 22.48
C LEU B 92 -10.41 8.16 22.39
N THR B 93 -9.67 7.78 23.43
CA THR B 93 -8.91 6.53 23.34
C THR B 93 -9.85 5.34 23.28
N ALA B 94 -10.96 5.40 24.01
CA ALA B 94 -11.96 4.33 23.94
C ALA B 94 -12.58 4.24 22.56
N LYS B 95 -12.90 5.38 21.95
CA LYS B 95 -13.49 5.40 20.62
C LYS B 95 -12.52 4.81 19.59
N ILE B 96 -11.25 5.23 19.66
CA ILE B 96 -10.22 4.71 18.77
C ILE B 96 -10.01 3.21 19.02
N GLU B 97 -9.90 2.81 20.28
CA GLU B 97 -9.68 1.39 20.55
C GLU B 97 -10.84 0.53 20.08
N LYS B 98 -12.06 1.07 20.06
CA LYS B 98 -13.21 0.34 19.55
C LYS B 98 -13.12 0.19 18.04
N ARG B 99 -12.72 1.25 17.35
CA ARG B 99 -12.48 1.17 15.91
C ARG B 99 -11.43 0.12 15.59
N ILE B 100 -10.30 0.16 16.32
CA ILE B 100 -9.20 -0.77 16.11
C ILE B 100 -9.64 -2.23 16.33
N SER B 101 -10.50 -2.46 17.32
CA SER B 101 -10.92 -3.84 17.61
C SER B 101 -11.70 -4.40 16.45
N SER B 102 -12.54 -3.59 15.82
CA SER B 102 -13.20 -4.03 14.60
C SER B 102 -12.19 -4.44 13.56
N ILE B 103 -11.14 -3.62 13.36
CA ILE B 103 -10.14 -3.92 12.34
C ILE B 103 -9.46 -5.23 12.63
N MET B 104 -9.04 -5.43 13.88
CA MET B 104 -8.21 -6.56 14.27
C MET B 104 -9.01 -7.80 14.66
N ASN B 105 -10.33 -7.69 14.77
CA ASN B 105 -11.21 -8.82 15.07
C ASN B 105 -10.94 -9.43 16.44
N VAL B 106 -10.63 -8.57 17.40
CA VAL B 106 -10.33 -9.02 18.77
C VAL B 106 -10.84 -7.93 19.71
N PRO B 107 -11.51 -8.27 20.80
CA PRO B 107 -12.11 -7.23 21.64
C PRO B 107 -11.04 -6.32 22.21
N ALA B 108 -11.42 -5.04 22.39
CA ALA B 108 -10.51 -4.02 22.90
C ALA B 108 -9.91 -4.39 24.26
N SER B 109 -10.63 -5.20 25.05
CA SER B 109 -10.11 -5.61 26.36
C SER B 109 -8.81 -6.38 26.22
N HIS B 110 -8.51 -6.87 25.00
CA HIS B 110 -7.25 -7.54 24.72
C HIS B 110 -6.12 -6.56 24.42
N GLY B 111 -6.43 -5.32 24.14
CA GLY B 111 -5.39 -4.38 23.78
C GLY B 111 -4.67 -3.89 25.01
N GLU B 112 -3.37 -3.62 24.86
CA GLU B 112 -2.62 -2.98 25.94
C GLU B 112 -2.91 -1.50 26.05
N GLY B 113 -3.54 -0.90 25.05
CA GLY B 113 -3.76 0.53 25.08
C GLY B 113 -2.94 1.24 24.02
N LEU B 114 -3.31 2.48 23.79
CA LEU B 114 -2.62 3.29 22.78
C LEU B 114 -1.23 3.68 23.28
N HIS B 115 -0.21 3.06 22.74
CA HIS B 115 1.16 3.37 23.09
C HIS B 115 1.73 4.39 22.10
N ILE B 116 2.06 5.58 22.58
CA ILE B 116 2.55 6.67 21.73
C ILE B 116 4.07 6.69 21.76
N LEU B 117 4.69 6.89 20.59
CA LEU B 117 6.14 6.84 20.46
C LEU B 117 6.59 7.89 19.46
N ASN B 118 7.63 8.64 19.82
CA ASN B 118 8.13 9.75 19.01
C ASN B 118 9.58 9.48 18.65
N TYR B 119 9.89 9.46 17.35
CA TYR B 119 11.26 9.36 16.89
C TYR B 119 11.73 10.74 16.46
N GLU B 120 12.86 11.17 16.98
CA GLU B 120 13.56 12.33 16.48
C GLU B 120 14.59 11.87 15.44
N VAL B 121 15.24 12.81 14.77
CA VAL B 121 16.18 12.45 13.75
C VAL B 121 17.27 11.51 14.25
N ASP B 122 17.50 10.46 13.46
CA ASP B 122 18.50 9.45 13.70
C ASP B 122 18.09 8.45 14.75
N GLN B 123 16.84 8.54 15.19
CA GLN B 123 16.28 7.56 16.11
C GLN B 123 15.69 6.40 15.31
N GLN B 124 15.76 5.21 15.87
CA GLN B 124 15.25 4.03 15.19
C GLN B 124 14.81 2.97 16.18
N TYR B 125 14.04 2.01 15.67
CA TYR B 125 13.60 0.90 16.50
C TYR B 125 14.13 -0.36 15.81
N LYS B 126 15.21 -0.94 16.35
CA LYS B 126 15.86 -2.05 15.68
C LYS B 126 14.96 -3.28 15.65
N ALA B 127 15.20 -4.10 14.64
CA ALA B 127 14.29 -5.19 14.31
C ALA B 127 14.06 -6.06 15.54
N HIS B 128 12.81 -6.43 15.75
CA HIS B 128 12.43 -7.17 16.94
C HIS B 128 11.17 -7.95 16.63
N TYR B 129 10.78 -8.82 17.55
CA TYR B 129 9.45 -9.43 17.55
C TYR B 129 8.55 -8.69 18.53
N ASP B 130 7.29 -8.49 18.16
CA ASP B 130 6.39 -7.91 19.15
C ASP B 130 5.97 -8.91 20.21
N TYR B 131 5.99 -10.20 19.92
CA TYR B 131 5.55 -11.16 20.92
C TYR B 131 6.68 -11.45 21.90
N PHE B 132 6.29 -11.87 23.11
CA PHE B 132 7.31 -12.13 24.11
C PHE B 132 7.87 -13.52 23.94
N ALA B 133 9.10 -13.71 24.38
CA ALA B 133 9.71 -15.03 24.43
C ALA B 133 8.74 -16.06 25.00
N GLU B 134 8.74 -17.26 24.41
CA GLU B 134 7.73 -18.26 24.75
C GLU B 134 7.74 -18.60 26.24
N HIS B 135 8.89 -18.49 26.90
CA HIS B 135 8.91 -18.80 28.31
C HIS B 135 9.29 -17.58 29.13
N SER B 136 8.68 -16.45 28.82
CA SER B 136 8.74 -15.25 29.65
C SER B 136 7.50 -15.18 30.54
N ARG B 137 7.55 -14.29 31.53
CA ARG B 137 6.41 -14.10 32.42
C ARG B 137 5.17 -13.68 31.65
N SER B 138 5.32 -12.70 30.76
CA SER B 138 4.15 -12.20 30.02
C SER B 138 3.66 -13.18 28.96
N ALA B 139 4.42 -14.23 28.63
CA ALA B 139 4.03 -15.13 27.55
C ALA B 139 2.80 -15.98 27.89
N ALA B 140 2.40 -16.03 29.16
CA ALA B 140 1.16 -16.71 29.55
C ALA B 140 -0.05 -16.04 28.92
N ASN B 141 0.11 -14.82 28.45
CA ASN B 141 -0.93 -14.10 27.75
C ASN B 141 -0.21 -13.27 26.68
N ASN B 142 0.38 -13.96 25.70
CA ASN B 142 1.29 -13.32 24.77
C ASN B 142 0.54 -12.41 23.79
N ARG B 143 1.30 -11.50 23.17
CA ARG B 143 0.71 -10.71 22.10
C ARG B 143 0.45 -11.61 20.90
N ILE B 144 -0.60 -11.29 20.15
CA ILE B 144 -0.93 -12.01 18.92
C ILE B 144 -0.95 -11.11 17.70
N SER B 145 -1.14 -9.81 17.84
CA SER B 145 -1.17 -8.97 16.62
C SER B 145 -0.93 -7.53 17.04
N THR B 146 -0.53 -6.73 16.04
CA THR B 146 -0.07 -5.36 16.18
C THR B 146 -0.75 -4.47 15.17
N LEU B 147 -1.16 -3.30 15.58
CA LEU B 147 -1.51 -2.24 14.65
C LEU B 147 -0.60 -1.04 14.90
N VAL B 148 0.17 -0.64 13.90
CA VAL B 148 0.98 0.58 13.98
C VAL B 148 0.30 1.67 13.16
N MET B 149 -0.09 2.76 13.81
CA MET B 149 -0.78 3.87 13.18
C MET B 149 0.18 5.05 13.08
N TYR B 150 0.34 5.58 11.87
CA TYR B 150 1.19 6.75 11.65
C TYR B 150 0.41 8.02 11.96
N LEU B 151 0.91 8.81 12.91
CA LEU B 151 0.21 9.99 13.38
C LEU B 151 0.70 11.28 12.73
N ASN B 152 1.77 11.22 11.94
CA ASN B 152 2.22 12.39 11.19
C ASN B 152 2.95 11.92 9.93
N ASP B 153 3.35 12.88 9.10
CA ASP B 153 4.18 12.61 7.93
C ASP B 153 5.65 12.81 8.24
N VAL B 154 6.48 11.91 7.73
CA VAL B 154 7.88 11.87 8.05
C VAL B 154 8.64 12.30 6.80
N GLU B 155 9.40 13.39 6.95
CA GLU B 155 10.07 14.00 5.80
C GLU B 155 10.94 12.98 5.08
N GLU B 156 11.69 12.17 5.83
CA GLU B 156 12.49 11.12 5.19
C GLU B 156 12.87 10.05 6.20
N GLY B 157 12.86 8.80 5.76
CA GLY B 157 13.13 7.68 6.64
C GLY B 157 11.91 7.24 7.43
N GLY B 158 12.17 6.46 8.47
CA GLY B 158 11.10 6.08 9.37
C GLY B 158 10.17 5.01 8.86
N GLU B 159 10.59 4.19 7.90
CA GLU B 159 9.68 3.17 7.40
C GLU B 159 9.58 1.99 8.37
N THR B 160 8.45 1.29 8.32
CA THR B 160 8.27 0.07 9.08
C THR B 160 8.71 -1.05 8.16
N PHE B 161 9.81 -1.73 8.49
CA PHE B 161 10.39 -2.69 7.56
C PHE B 161 10.37 -4.08 8.17
N PHE B 162 10.23 -5.08 7.31
CA PHE B 162 10.23 -6.49 7.71
C PHE B 162 11.42 -7.14 7.03
N PRO B 163 12.58 -7.19 7.71
CA PRO B 163 13.82 -7.55 7.01
C PRO B 163 13.80 -8.93 6.37
N LYS B 164 13.15 -9.91 6.99
CA LYS B 164 13.11 -11.25 6.39
C LYS B 164 12.16 -11.34 5.21
N LEU B 165 11.34 -10.33 4.99
CA LEU B 165 10.37 -10.40 3.91
C LEU B 165 10.67 -9.42 2.80
N ASN B 166 11.63 -8.51 3.00
CA ASN B 166 12.02 -7.53 1.98
C ASN B 166 10.89 -6.56 1.67
N LEU B 167 10.16 -6.17 2.70
CA LEU B 167 8.95 -5.37 2.57
C LEU B 167 9.01 -4.20 3.54
N SER B 168 8.56 -3.02 3.10
CA SER B 168 8.49 -1.89 4.02
C SER B 168 7.21 -1.10 3.77
N VAL B 169 6.74 -0.47 4.83
CA VAL B 169 5.57 0.36 4.76
C VAL B 169 6.10 1.69 5.22
N HIS B 170 5.93 2.69 4.36
CA HIS B 170 6.42 4.02 4.67
C HIS B 170 5.36 4.79 5.45
N PRO B 171 5.76 5.68 6.38
CA PRO B 171 4.76 6.34 7.22
C PRO B 171 3.99 7.34 6.40
N ARG B 172 2.70 7.42 6.69
CA ARG B 172 1.79 8.34 6.02
C ARG B 172 0.81 8.70 7.13
N LYS B 173 0.59 9.98 7.36
CA LYS B 173 -0.31 10.36 8.44
C LYS B 173 -1.70 9.83 8.15
N GLY B 174 -2.31 9.17 9.13
CA GLY B 174 -3.65 8.64 9.00
C GLY B 174 -3.71 7.18 8.59
N MET B 175 -2.62 6.63 8.11
CA MET B 175 -2.51 5.27 7.61
C MET B 175 -2.05 4.34 8.73
N ALA B 176 -1.97 3.05 8.43
CA ALA B 176 -1.48 2.14 9.46
C ALA B 176 -1.03 0.84 8.82
N VAL B 177 -0.27 0.06 9.59
CA VAL B 177 0.12 -1.29 9.18
C VAL B 177 -0.37 -2.27 10.24
N TYR B 178 -1.04 -3.33 9.78
CA TYR B 178 -1.52 -4.41 10.62
C TYR B 178 -0.68 -5.63 10.32
N PHE B 179 -0.37 -6.42 11.35
CA PHE B 179 0.26 -7.72 11.15
C PHE B 179 -0.02 -8.61 12.36
N GLU B 180 0.00 -9.93 12.12
CA GLU B 180 -0.27 -10.87 13.19
C GLU B 180 0.75 -12.00 13.15
N TYR B 181 0.94 -12.59 14.33
CA TYR B 181 1.92 -13.64 14.61
C TYR B 181 1.38 -14.74 15.53
N PHE B 182 0.18 -15.19 15.26
CA PHE B 182 -0.53 -16.22 16.02
C PHE B 182 -0.58 -17.54 15.26
N TYR B 183 0.44 -17.86 14.47
CA TYR B 183 0.39 -19.03 13.60
C TYR B 183 0.83 -20.29 14.30
N GLN B 184 0.28 -21.43 13.86
CA GLN B 184 0.72 -22.74 14.33
C GLN B 184 2.17 -23.00 13.92
N ASP B 185 2.49 -22.76 12.65
CA ASP B 185 3.86 -22.86 12.15
C ASP B 185 4.64 -21.67 12.69
N GLN B 186 5.47 -21.92 13.68
CA GLN B 186 6.17 -20.82 14.34
C GLN B 186 7.09 -20.07 13.38
N SER B 187 7.57 -20.74 12.33
CA SER B 187 8.48 -20.03 11.43
C SER B 187 7.76 -18.88 10.75
N LEU B 188 6.44 -18.97 10.58
CA LEU B 188 5.67 -17.85 10.06
C LEU B 188 5.73 -16.66 11.02
N ASN B 189 5.45 -16.90 12.30
CA ASN B 189 5.57 -15.85 13.30
C ASN B 189 6.95 -15.23 13.29
N GLU B 190 7.99 -16.04 13.09
CA GLU B 190 9.32 -15.48 13.06
C GLU B 190 9.54 -14.56 11.87
N LEU B 191 8.79 -14.75 10.77
CA LEU B 191 8.86 -13.86 9.63
C LEU B 191 8.31 -12.47 9.91
N THR B 192 7.63 -12.27 11.04
CA THR B 192 7.12 -10.95 11.38
C THR B 192 8.15 -10.07 12.04
N LEU B 193 9.41 -10.47 12.07
CA LEU B 193 10.48 -9.58 12.52
C LEU B 193 10.37 -8.23 11.82
N HIS B 194 10.45 -7.16 12.59
CA HIS B 194 10.24 -5.85 11.99
C HIS B 194 10.89 -4.76 12.83
N GLY B 195 11.04 -3.59 12.21
CA GLY B 195 11.58 -2.47 12.96
C GLY B 195 11.14 -1.15 12.35
N GLY B 196 11.57 -0.09 13.00
CA GLY B 196 11.29 1.26 12.55
C GLY B 196 12.60 1.83 12.04
N ALA B 197 12.68 2.13 10.76
CA ALA B 197 13.95 2.58 10.22
C ALA B 197 14.32 3.95 10.77
N PRO B 198 15.61 4.31 10.78
CA PRO B 198 16.00 5.64 11.25
C PRO B 198 15.23 6.75 10.54
N VAL B 199 14.84 7.75 11.32
CA VAL B 199 14.27 8.97 10.76
C VAL B 199 15.43 9.88 10.36
N THR B 200 15.54 10.18 9.07
CA THR B 200 16.67 10.96 8.62
C THR B 200 16.33 12.43 8.39
N LYS B 201 15.07 12.77 8.16
CA LYS B 201 14.64 14.15 8.21
C LYS B 201 13.31 14.21 8.94
N GLY B 202 13.09 15.29 9.68
CA GLY B 202 11.81 15.45 10.36
C GLY B 202 11.73 14.68 11.67
N GLU B 203 10.51 14.24 12.00
CA GLU B 203 10.26 13.41 13.16
C GLU B 203 9.15 12.41 12.82
N LYS B 204 8.99 11.43 13.68
CA LYS B 204 7.98 10.41 13.48
C LYS B 204 7.20 10.21 14.76
N TRP B 205 5.86 10.27 14.67
CA TRP B 205 4.95 9.90 15.76
C TRP B 205 4.11 8.70 15.35
N ILE B 206 3.98 7.71 16.23
CA ILE B 206 3.13 6.56 15.99
C ILE B 206 2.36 6.25 17.25
N ALA B 207 1.17 5.69 17.06
CA ALA B 207 0.48 4.94 18.09
C ALA B 207 0.53 3.47 17.70
N THR B 208 0.76 2.62 18.69
CA THR B 208 0.73 1.17 18.50
C THR B 208 -0.30 0.60 19.45
N GLN B 209 -1.12 -0.29 18.93
CA GLN B 209 -1.98 -1.17 19.71
C GLN B 209 -1.41 -2.58 19.59
N TRP B 210 -0.95 -3.13 20.71
CA TRP B 210 -0.54 -4.53 20.78
C TRP B 210 -1.66 -5.32 21.43
N VAL B 211 -2.03 -6.44 20.82
CA VAL B 211 -3.21 -7.19 21.21
C VAL B 211 -2.79 -8.53 21.81
N ARG B 212 -3.39 -8.90 22.93
CA ARG B 212 -3.06 -10.11 23.66
C ARG B 212 -4.05 -11.23 23.31
N ARG B 213 -3.58 -12.48 23.47
CA ARG B 213 -4.45 -13.61 23.23
C ARG B 213 -5.71 -13.57 24.11
N GLY B 214 -5.56 -13.25 25.39
CA GLY B 214 -6.68 -13.13 26.30
C GLY B 214 -6.90 -11.70 26.76
N THR B 215 -8.02 -11.51 27.46
CA THR B 215 -8.36 -10.19 27.99
C THR B 215 -7.17 -9.65 28.78
N TYR B 216 -6.91 -8.35 28.64
CA TYR B 216 -5.71 -7.79 29.22
C TYR B 216 -6.00 -6.64 30.17
N LYS B 217 -6.88 -5.75 29.79
CA LYS B 217 -7.23 -4.64 30.66
C LYS B 217 -8.10 -5.16 31.79
N PRO B 218 -7.92 -4.62 32.99
CA PRO B 218 -8.75 -5.06 34.10
C PRO B 218 -10.19 -4.66 33.80
N PRO B 219 -11.19 -5.30 34.50
CA PRO B 219 -12.55 -4.88 34.13
C PRO B 219 -12.83 -3.43 34.43
N GLY B 220 -13.71 -2.83 33.63
CA GLY B 220 -14.09 -1.44 33.79
C GLY B 220 -15.58 -1.24 33.60
CO CO C . -0.16 -6.73 -16.50
C1 AKG D . -1.78 -4.63 -16.67
O1 AKG D . -0.71 -4.98 -17.19
O2 AKG D . -2.41 -3.63 -17.05
C2 AKG D . -2.36 -5.40 -15.52
O5 AKG D . -1.86 -6.40 -15.23
C3 AKG D . -3.57 -4.82 -14.78
C4 AKG D . -3.77 -5.52 -13.46
C5 AKG D . -5.06 -5.07 -12.77
O3 AKG D . -5.06 -4.83 -11.54
O4 AKG D . -6.13 -4.92 -13.42
C1 BME E . -2.74 7.78 -0.88
C2 BME E . -3.48 7.92 0.45
O1 BME E . -3.48 8.19 -2.04
S2 BME E . -4.30 6.38 1.00
CO CO F . 7.26 -3.85 16.93
C1 AKG G . 6.10 -1.53 17.27
O1 AKG G . 5.50 -0.56 17.80
O2 AKG G . 5.96 -2.72 17.70
C2 AKG G . 6.99 -1.26 16.09
O5 AKG G . 7.74 -2.11 15.73
C3 AKG G . 6.88 0.10 15.39
C4 AKG G . 7.80 0.24 14.18
C5 AKG G . 7.81 1.65 13.59
O3 AKG G . 8.08 2.67 14.27
O4 AKG G . 7.53 1.83 12.39
C1 PEG H . -4.89 -14.95 31.81
O1 PEG H . -4.61 -15.93 32.79
C2 PEG H . -4.59 -13.53 32.31
O2 PEG H . -5.69 -13.12 33.10
C3 PEG H . -5.68 -11.80 33.60
C4 PEG H . -6.65 -10.94 32.75
O4 PEG H . -6.05 -9.73 32.35
#